data_6F4H
#
_entry.id   6F4H
#
_cell.length_a   56.705
_cell.length_b   150.028
_cell.length_c   133.639
_cell.angle_alpha   90.00
_cell.angle_beta   90.00
_cell.angle_gamma   90.00
#
_symmetry.space_group_name_H-M   'C 2 2 21'
#
loop_
_entity.id
_entity.type
_entity.pdbx_description
1 polymer 'U1 small nuclear ribonucleoprotein A'
2 polymer U1-SL2
3 non-polymer 'CITRATE ANION'
4 water water
#
loop_
_entity_poly.entity_id
_entity_poly.type
_entity_poly.pdbx_seq_one_letter_code
_entity_poly.pdbx_strand_id
1 'polypeptide(L)'
;GAMEMLPNQTIYINNLNEKIKKEELKKSLYAIFSQFGQILDIVALKTLKMRGQAFVIFKEIGSASNALRTMQGFPFYDKP
MQIAYSKSDSDIVAKIKG
;
A,C,E
2 'polyribonucleotide' GGCCGCAUUGCACCUCGCGGCC B,D,F
#
loop_
_chem_comp.id
_chem_comp.type
_chem_comp.name
_chem_comp.formula
A RNA linking ADENOSINE-5'-MONOPHOSPHATE 'C10 H14 N5 O7 P'
C RNA linking CYTIDINE-5'-MONOPHOSPHATE 'C9 H14 N3 O8 P'
FLC non-polymer 'CITRATE ANION' 'C6 H5 O7 -3'
G RNA linking GUANOSINE-5'-MONOPHOSPHATE 'C10 H14 N5 O8 P'
U RNA linking URIDINE-5'-MONOPHOSPHATE 'C9 H13 N2 O9 P'
#
# COMPACT_ATOMS: atom_id res chain seq x y z
N GLU A 4 -13.38 8.70 -19.24
CA GLU A 4 -13.30 8.13 -17.89
C GLU A 4 -14.36 7.06 -17.60
N MET A 5 -13.99 6.06 -16.82
CA MET A 5 -14.91 4.97 -16.46
C MET A 5 -16.12 5.43 -15.59
N LEU A 6 -17.34 5.14 -16.03
CA LEU A 6 -18.55 5.46 -15.26
C LEU A 6 -18.69 4.51 -14.05
N PRO A 7 -19.41 4.92 -12.99
CA PRO A 7 -19.57 4.05 -11.81
C PRO A 7 -20.28 2.74 -12.12
N ASN A 8 -19.86 1.68 -11.44
CA ASN A 8 -20.41 0.35 -11.64
C ASN A 8 -20.40 -0.35 -10.27
N GLN A 9 -21.29 -1.28 -9.98
CA GLN A 9 -21.20 -1.94 -8.67
C GLN A 9 -20.02 -2.91 -8.61
N THR A 10 -19.37 -3.19 -9.74
CA THR A 10 -18.13 -3.97 -9.69
C THR A 10 -16.89 -3.10 -9.82
N ILE A 11 -15.92 -3.27 -8.92
CA ILE A 11 -14.67 -2.60 -9.13
C ILE A 11 -13.63 -3.55 -9.69
N TYR A 12 -12.72 -2.98 -10.46
CA TYR A 12 -11.68 -3.73 -11.15
C TYR A 12 -10.39 -3.35 -10.54
N ILE A 13 -9.67 -4.32 -9.96
CA ILE A 13 -8.40 -4.02 -9.27
C ILE A 13 -7.21 -4.63 -10.02
N ASN A 14 -6.15 -3.86 -10.24
CA ASN A 14 -4.97 -4.47 -10.81
C ASN A 14 -3.73 -3.92 -10.12
N ASN A 15 -2.55 -4.22 -10.66
CA ASN A 15 -1.28 -4.08 -9.95
C ASN A 15 -1.29 -4.91 -8.66
N LEU A 16 -1.98 -6.05 -8.69
CA LEU A 16 -1.96 -6.98 -7.57
C LEU A 16 -0.72 -7.86 -7.61
N ASN A 17 -0.27 -8.27 -6.41
CA ASN A 17 0.90 -9.13 -6.25
C ASN A 17 0.60 -10.54 -6.77
N GLU A 18 1.21 -10.92 -7.88
CA GLU A 18 0.87 -12.17 -8.57
C GLU A 18 1.41 -13.43 -7.89
N LYS A 19 2.30 -13.24 -6.93
CA LYS A 19 2.88 -14.39 -6.25
C LYS A 19 1.88 -15.02 -5.27
N ILE A 20 0.82 -14.29 -4.94
CA ILE A 20 -0.14 -14.77 -3.95
C ILE A 20 -1.14 -15.73 -4.54
N LYS A 21 -1.35 -16.85 -3.87
CA LYS A 21 -2.28 -17.85 -4.36
C LYS A 21 -3.71 -17.32 -4.44
N LYS A 22 -4.45 -17.72 -5.47
CA LYS A 22 -5.71 -17.05 -5.73
C LYS A 22 -6.70 -17.19 -4.58
N GLU A 23 -6.70 -18.32 -3.88
CA GLU A 23 -7.73 -18.51 -2.86
C GLU A 23 -7.46 -17.60 -1.68
N GLU A 24 -6.17 -17.48 -1.33
CA GLU A 24 -5.75 -16.54 -0.31
C GLU A 24 -6.01 -15.07 -0.70
N LEU A 25 -5.59 -14.70 -1.91
CA LEU A 25 -5.88 -13.40 -2.49
C LEU A 25 -7.32 -12.95 -2.28
N LYS A 26 -8.28 -13.81 -2.62
CA LYS A 26 -9.69 -13.50 -2.48
C LYS A 26 -10.17 -13.29 -1.04
N LYS A 27 -9.66 -14.12 -0.14
CA LYS A 27 -9.99 -13.99 1.30
C LYS A 27 -9.39 -12.71 1.84
N SER A 28 -8.16 -12.41 1.46
CA SER A 28 -7.54 -11.15 1.88
C SER A 28 -8.28 -9.96 1.33
N LEU A 29 -8.81 -10.08 0.10
CA LEU A 29 -9.54 -8.96 -0.49
C LEU A 29 -10.85 -8.75 0.26
N TYR A 30 -11.51 -9.85 0.58
CA TYR A 30 -12.77 -9.76 1.32
C TYR A 30 -12.49 -9.11 2.70
N ALA A 31 -11.32 -9.42 3.31
CA ALA A 31 -10.94 -8.81 4.60
C ALA A 31 -10.89 -7.27 4.56
N ILE A 32 -10.51 -6.68 3.42
CA ILE A 32 -10.37 -5.23 3.40
C ILE A 32 -11.52 -4.50 2.71
N PHE A 33 -12.33 -5.21 1.93
CA PHE A 33 -13.41 -4.53 1.22
C PHE A 33 -14.82 -4.73 1.83
N SER A 34 -14.98 -5.67 2.77
CA SER A 34 -16.32 -5.97 3.26
C SER A 34 -16.86 -4.79 4.08
N GLN A 35 -15.97 -3.94 4.57
CA GLN A 35 -16.42 -2.78 5.33
C GLN A 35 -17.27 -1.82 4.48
N PHE A 36 -17.19 -1.90 3.15
CA PHE A 36 -17.86 -0.90 2.31
C PHE A 36 -19.31 -1.28 1.97
N GLY A 37 -19.70 -2.49 2.30
CA GLY A 37 -21.03 -2.93 1.94
C GLY A 37 -21.02 -4.39 1.54
N GLN A 38 -22.22 -4.91 1.31
CA GLN A 38 -22.41 -6.30 0.93
C GLN A 38 -21.69 -6.65 -0.38
N ILE A 39 -20.92 -7.72 -0.34
CA ILE A 39 -20.18 -8.21 -1.50
C ILE A 39 -20.89 -9.44 -2.04
N LEU A 40 -21.23 -9.42 -3.31
CA LEU A 40 -21.84 -10.60 -3.95
C LEU A 40 -20.81 -11.66 -4.32
N ASP A 41 -19.62 -11.23 -4.74
CA ASP A 41 -18.60 -12.17 -5.18
C ASP A 41 -17.31 -11.44 -5.44
N ILE A 42 -16.21 -12.19 -5.41
CA ILE A 42 -14.89 -11.69 -5.78
C ILE A 42 -14.30 -12.65 -6.79
N VAL A 43 -13.92 -12.13 -7.94
CA VAL A 43 -13.38 -12.95 -9.00
C VAL A 43 -11.90 -12.64 -9.14
N ALA A 44 -11.08 -13.67 -9.00
CA ALA A 44 -9.64 -13.56 -9.23
C ALA A 44 -9.15 -14.80 -10.00
N LEU A 45 -8.64 -14.62 -11.23
CA LEU A 45 -8.11 -15.72 -12.03
C LEU A 45 -6.58 -15.65 -12.12
N LYS A 46 -5.92 -16.77 -12.38
CA LYS A 46 -4.45 -16.75 -12.48
C LYS A 46 -3.94 -17.12 -13.89
N THR A 47 -4.82 -17.02 -14.87
CA THR A 47 -4.45 -17.20 -16.27
C THR A 47 -3.43 -16.14 -16.67
N LEU A 48 -2.84 -16.29 -17.84
CA LEU A 48 -1.83 -15.35 -18.31
C LEU A 48 -2.43 -13.93 -18.42
N LYS A 49 -3.62 -13.89 -19.01
CA LYS A 49 -4.35 -12.66 -19.26
C LYS A 49 -4.90 -11.96 -17.99
N MET A 50 -5.35 -12.75 -17.03
CA MET A 50 -6.09 -12.19 -15.89
C MET A 50 -5.35 -12.18 -14.54
N ARG A 51 -4.09 -12.65 -14.48
CA ARG A 51 -3.38 -12.62 -13.20
C ARG A 51 -3.00 -11.17 -12.86
N GLY A 52 -2.77 -10.92 -11.58
CA GLY A 52 -2.50 -9.56 -11.13
C GLY A 52 -3.75 -8.69 -11.01
N GLN A 53 -4.92 -9.29 -11.18
CA GLN A 53 -6.18 -8.53 -11.32
C GLN A 53 -7.29 -9.20 -10.53
N ALA A 54 -8.31 -8.43 -10.10
CA ALA A 54 -9.49 -9.02 -9.47
C ALA A 54 -10.73 -8.17 -9.65
N PHE A 55 -11.91 -8.78 -9.58
CA PHE A 55 -13.16 -8.02 -9.64
C PHE A 55 -13.85 -8.20 -8.31
N VAL A 56 -14.17 -7.10 -7.64
CA VAL A 56 -15.01 -7.19 -6.45
C VAL A 56 -16.38 -6.64 -6.76
N ILE A 57 -17.37 -7.49 -6.60
CA ILE A 57 -18.71 -7.19 -7.05
C ILE A 57 -19.55 -6.84 -5.84
N PHE A 58 -19.86 -5.55 -5.71
CA PHE A 58 -20.71 -5.10 -4.61
C PHE A 58 -22.17 -5.14 -5.01
N LYS A 59 -23.02 -5.28 -4.02
CA LYS A 59 -24.46 -5.20 -4.24
C LYS A 59 -24.90 -3.79 -4.66
N GLU A 60 -24.31 -2.75 -4.03
CA GLU A 60 -24.70 -1.36 -4.31
C GLU A 60 -23.57 -0.59 -4.98
N ILE A 61 -23.91 0.25 -5.95
CA ILE A 61 -22.94 1.06 -6.67
C ILE A 61 -22.25 2.02 -5.69
N GLY A 62 -23.02 2.57 -4.75
CA GLY A 62 -22.43 3.48 -3.78
C GLY A 62 -21.37 2.82 -2.91
N SER A 63 -21.52 1.52 -2.62
CA SER A 63 -20.45 0.77 -1.95
C SER A 63 -19.16 0.73 -2.79
N ALA A 64 -19.32 0.38 -4.07
CA ALA A 64 -18.22 0.34 -5.00
C ALA A 64 -17.47 1.68 -5.07
N SER A 65 -18.22 2.77 -5.16
CA SER A 65 -17.64 4.12 -5.28
C SER A 65 -16.84 4.42 -4.05
N ASN A 66 -17.43 4.08 -2.92
CA ASN A 66 -16.77 4.37 -1.64
C ASN A 66 -15.52 3.52 -1.50
N ALA A 67 -15.61 2.27 -1.94
CA ALA A 67 -14.47 1.34 -1.84
C ALA A 67 -13.31 1.81 -2.72
N LEU A 68 -13.66 2.21 -3.93
CA LEU A 68 -12.67 2.72 -4.89
C LEU A 68 -11.95 3.96 -4.36
N ARG A 69 -12.72 4.95 -3.93
CA ARG A 69 -12.13 6.20 -3.41
C ARG A 69 -11.28 5.97 -2.15
N THR A 70 -11.76 5.12 -1.25
CA THR A 70 -11.08 4.95 0.05
C THR A 70 -9.81 4.12 -0.07
N MET A 71 -9.88 3.02 -0.85
CA MET A 71 -8.78 2.08 -0.90
C MET A 71 -7.77 2.30 -2.04
N GLN A 72 -8.02 3.32 -2.84
CA GLN A 72 -7.17 3.63 -4.01
C GLN A 72 -5.71 3.74 -3.57
N GLY A 73 -4.82 2.95 -4.16
CA GLY A 73 -3.40 3.04 -3.83
C GLY A 73 -2.96 2.38 -2.51
N PHE A 74 -3.88 1.71 -1.82
CA PHE A 74 -3.54 1.06 -0.54
C PHE A 74 -2.54 -0.09 -0.80
N PRO A 75 -1.40 -0.10 -0.07
CA PRO A 75 -0.37 -1.11 -0.31
C PRO A 75 -0.78 -2.47 0.26
N PHE A 76 -1.14 -3.37 -0.64
CA PHE A 76 -1.70 -4.68 -0.34
C PHE A 76 -0.67 -5.73 -0.78
N TYR A 77 -0.21 -6.56 0.16
CA TYR A 77 0.92 -7.47 -0.15
C TYR A 77 2.04 -6.67 -0.83
N ASP A 78 2.29 -5.51 -0.25
CA ASP A 78 3.37 -4.58 -0.60
C ASP A 78 3.12 -3.67 -1.82
N LYS A 79 2.06 -3.89 -2.58
CA LYS A 79 1.87 -3.13 -3.83
C LYS A 79 0.64 -2.23 -3.78
N PRO A 80 0.82 -0.93 -4.09
CA PRO A 80 -0.34 -0.03 -4.13
C PRO A 80 -1.42 -0.56 -5.08
N MET A 81 -2.60 -0.87 -4.55
CA MET A 81 -3.69 -1.34 -5.40
C MET A 81 -4.13 -0.27 -6.37
N GLN A 82 -4.36 -0.67 -7.62
CA GLN A 82 -4.93 0.25 -8.58
C GLN A 82 -6.37 -0.14 -8.84
N ILE A 83 -7.27 0.81 -8.63
CA ILE A 83 -8.67 0.49 -8.66
C ILE A 83 -9.44 1.37 -9.64
N ALA A 84 -10.29 0.73 -10.43
CA ALA A 84 -11.18 1.44 -11.35
C ALA A 84 -12.53 0.75 -11.29
N TYR A 85 -13.54 1.36 -11.88
CA TYR A 85 -14.81 0.70 -12.11
C TYR A 85 -14.63 -0.29 -13.25
N SER A 86 -15.37 -1.40 -13.24
CA SER A 86 -15.31 -2.30 -14.38
C SER A 86 -16.02 -1.69 -15.59
N LYS A 87 -15.50 -2.00 -16.77
CA LYS A 87 -16.06 -1.59 -18.07
C LYS A 87 -17.52 -1.98 -18.24
N SER A 88 -17.86 -3.13 -17.70
CA SER A 88 -19.17 -3.75 -17.96
C SER A 88 -19.71 -4.44 -16.73
N ASP A 89 -21.02 -4.61 -16.69
CA ASP A 89 -21.67 -5.32 -15.60
C ASP A 89 -21.17 -6.75 -15.48
N SER A 90 -20.92 -7.16 -14.24
CA SER A 90 -20.60 -8.53 -13.97
C SER A 90 -21.83 -9.38 -14.24
N ASP A 91 -21.62 -10.62 -14.66
CA ASP A 91 -22.73 -11.49 -15.06
C ASP A 91 -23.77 -11.73 -13.97
N ILE A 92 -23.35 -12.01 -12.75
CA ILE A 92 -24.36 -12.29 -11.73
C ILE A 92 -25.21 -11.04 -11.46
N VAL A 93 -26.36 -11.01 -12.14
CA VAL A 93 -27.48 -10.08 -11.93
C VAL A 93 -28.75 -10.62 -12.61
N GLY C 1 1.15 9.05 28.79
CA GLY C 1 0.55 8.91 30.11
C GLY C 1 0.82 7.51 30.61
N ALA C 2 0.49 7.29 31.87
CA ALA C 2 0.84 6.08 32.61
C ALA C 2 0.32 4.80 31.99
N MET C 3 -0.77 4.89 31.21
CA MET C 3 -1.39 3.74 30.57
C MET C 3 -0.83 3.42 29.15
N GLU C 4 0.04 4.28 28.65
CA GLU C 4 0.61 4.02 27.31
C GLU C 4 1.78 3.04 27.34
N MET C 5 1.71 2.02 26.51
CA MET C 5 2.86 1.14 26.27
C MET C 5 3.99 1.88 25.56
N LEU C 6 5.22 1.53 25.88
CA LEU C 6 6.37 2.09 25.19
C LEU C 6 6.55 1.38 23.85
N PRO C 7 7.20 2.06 22.88
CA PRO C 7 7.40 1.42 21.56
C PRO C 7 8.10 0.08 21.69
N ASN C 8 7.71 -0.85 20.83
CA ASN C 8 8.23 -2.20 20.83
C ASN C 8 8.20 -2.68 19.38
N GLN C 9 9.05 -3.62 18.99
CA GLN C 9 8.99 -4.03 17.61
C GLN C 9 7.82 -5.02 17.36
N THR C 10 7.14 -5.45 18.43
CA THR C 10 5.92 -6.22 18.26
C THR C 10 4.66 -5.39 18.56
N ILE C 11 3.66 -5.48 17.68
CA ILE C 11 2.41 -4.79 17.96
C ILE C 11 1.36 -5.78 18.40
N TYR C 12 0.51 -5.34 19.30
CA TYR C 12 -0.54 -6.16 19.87
C TYR C 12 -1.86 -5.65 19.30
N ILE C 13 -2.57 -6.51 18.58
CA ILE C 13 -3.80 -6.11 17.91
C ILE C 13 -4.98 -6.78 18.60
N ASN C 14 -6.04 -6.05 18.93
CA ASN C 14 -7.24 -6.77 19.36
C ASN C 14 -8.50 -6.13 18.77
N ASN C 15 -9.66 -6.53 19.28
CA ASN C 15 -10.95 -6.24 18.68
C ASN C 15 -11.04 -6.83 17.28
N LEU C 16 -10.30 -7.92 17.05
CA LEU C 16 -10.36 -8.68 15.80
C LEU C 16 -11.66 -9.47 15.71
N ASN C 17 -12.14 -9.67 14.48
CA ASN C 17 -13.32 -10.49 14.22
C ASN C 17 -13.05 -11.98 14.54
N GLU C 18 -13.63 -12.45 15.63
CA GLU C 18 -13.37 -13.79 16.14
C GLU C 18 -13.93 -14.92 15.28
N LYS C 19 -14.80 -14.61 14.33
CA LYS C 19 -15.34 -15.68 13.47
C LYS C 19 -14.35 -16.17 12.41
N ILE C 20 -13.28 -15.41 12.16
CA ILE C 20 -12.34 -15.77 11.10
C ILE C 20 -11.42 -16.90 11.60
N LYS C 21 -11.25 -17.94 10.80
CA LYS C 21 -10.26 -19.00 11.07
C LYS C 21 -8.84 -18.46 11.20
N LYS C 22 -8.07 -19.04 12.11
CA LYS C 22 -6.81 -18.43 12.49
C LYS C 22 -5.83 -18.41 11.33
N GLU C 23 -5.84 -19.42 10.46
CA GLU C 23 -4.86 -19.45 9.36
C GLU C 23 -5.19 -18.38 8.34
N GLU C 24 -6.46 -18.23 8.01
CA GLU C 24 -6.90 -17.12 7.16
C GLU C 24 -6.59 -15.74 7.76
N LEU C 25 -6.92 -15.58 9.04
CA LEU C 25 -6.65 -14.36 9.79
C LEU C 25 -5.18 -13.96 9.68
N LYS C 26 -4.29 -14.91 9.96
CA LYS C 26 -2.87 -14.62 9.82
C LYS C 26 -2.47 -14.20 8.40
N LYS C 27 -2.99 -14.88 7.39
CA LYS C 27 -2.59 -14.50 6.04
C LYS C 27 -3.11 -13.10 5.67
N SER C 28 -4.33 -12.77 6.10
CA SER C 28 -4.90 -11.46 5.80
C SER C 28 -4.17 -10.36 6.54
N LEU C 29 -3.70 -10.68 7.75
CA LEU C 29 -2.87 -9.72 8.49
C LEU C 29 -1.54 -9.46 7.75
N TYR C 30 -0.89 -10.51 7.25
CA TYR C 30 0.31 -10.34 6.42
CA TYR C 30 0.32 -10.29 6.45
C TYR C 30 0.02 -9.39 5.25
N ALA C 31 -1.16 -9.54 4.65
CA ALA C 31 -1.53 -8.77 3.45
C ALA C 31 -1.50 -7.28 3.74
N ILE C 32 -1.87 -6.89 4.97
CA ILE C 32 -1.99 -5.47 5.22
C ILE C 32 -0.78 -4.92 5.93
N PHE C 33 -0.08 -5.77 6.68
CA PHE C 33 1.03 -5.24 7.50
C PHE C 33 2.41 -5.40 6.86
N SER C 34 2.56 -6.23 5.82
CA SER C 34 3.92 -6.47 5.30
C SER C 34 4.47 -5.20 4.66
N GLN C 35 3.58 -4.30 4.22
CA GLN C 35 4.02 -3.04 3.63
C GLN C 35 4.92 -2.22 4.58
N PHE C 36 4.79 -2.42 5.89
CA PHE C 36 5.49 -1.56 6.84
C PHE C 36 6.94 -1.97 7.07
N GLY C 37 7.26 -3.23 6.82
CA GLY C 37 8.63 -3.72 6.94
C GLY C 37 8.61 -5.23 7.09
N GLN C 38 9.80 -5.83 7.16
CA GLN C 38 9.94 -7.28 7.35
C GLN C 38 9.22 -7.76 8.63
N ILE C 39 8.40 -8.79 8.46
CA ILE C 39 7.69 -9.39 9.57
C ILE C 39 8.35 -10.72 9.93
N LEU C 40 8.80 -10.83 11.18
CA LEU C 40 9.43 -12.07 11.62
C LEU C 40 8.41 -13.18 11.87
N ASP C 41 7.24 -12.78 12.37
CA ASP C 41 6.21 -13.76 12.68
C ASP C 41 4.92 -13.07 13.05
N ILE C 42 3.82 -13.81 12.97
CA ILE C 42 2.53 -13.34 13.44
C ILE C 42 1.96 -14.43 14.35
N VAL C 43 1.58 -14.05 15.57
CA VAL C 43 0.99 -15.01 16.53
C VAL C 43 -0.51 -14.75 16.69
N ALA C 44 -1.33 -15.76 16.44
CA ALA C 44 -2.77 -15.59 16.60
C ALA C 44 -3.34 -16.90 17.11
N LEU C 45 -3.88 -16.89 18.33
CA LEU C 45 -4.49 -18.12 18.89
C LEU C 45 -5.99 -17.97 19.05
N LYS C 46 -6.69 -19.10 19.19
CA LYS C 46 -8.17 -19.06 19.23
C LYS C 46 -8.73 -19.57 20.57
N THR C 47 -7.87 -19.74 21.56
CA THR C 47 -8.28 -20.09 22.92
C THR C 47 -9.18 -18.99 23.48
N LEU C 48 -9.87 -19.29 24.60
CA LEU C 48 -10.77 -18.34 25.24
C LEU C 48 -10.03 -17.08 25.62
N LYS C 49 -8.83 -17.25 26.14
CA LYS C 49 -8.04 -16.11 26.56
C LYS C 49 -7.52 -15.27 25.37
N MET C 50 -7.13 -15.92 24.28
CA MET C 50 -6.37 -15.19 23.25
C MET C 50 -7.08 -14.92 21.93
N ARG C 51 -8.32 -15.40 21.79
CA ARG C 51 -9.09 -15.12 20.58
C ARG C 51 -9.33 -13.61 20.41
N GLY C 52 -9.45 -13.18 19.17
CA GLY C 52 -9.77 -11.77 18.90
C GLY C 52 -8.50 -10.94 18.91
N GLN C 53 -7.36 -11.61 19.04
CA GLN C 53 -6.09 -10.91 19.29
C GLN C 53 -4.97 -11.47 18.41
N ALA C 54 -3.98 -10.63 18.09
CA ALA C 54 -2.83 -11.10 17.34
C ALA C 54 -1.57 -10.29 17.63
N PHE C 55 -0.41 -10.92 17.51
CA PHE C 55 0.83 -10.22 17.68
C PHE C 55 1.53 -10.22 16.35
N VAL C 56 1.93 -9.04 15.86
CA VAL C 56 2.71 -8.98 14.64
C VAL C 56 4.09 -8.49 15.00
N ILE C 57 5.09 -9.34 14.74
CA ILE C 57 6.46 -9.10 15.17
C ILE C 57 7.30 -8.57 14.00
N PHE C 58 7.68 -7.29 14.07
CA PHE C 58 8.49 -6.68 13.02
C PHE C 58 9.98 -6.78 13.36
N LYS C 59 10.80 -6.85 12.32
CA LYS C 59 12.24 -6.86 12.46
C LYS C 59 12.74 -5.52 12.99
N GLU C 60 12.11 -4.44 12.56
CA GLU C 60 12.55 -3.10 12.95
C GLU C 60 11.45 -2.41 13.73
N ILE C 61 11.84 -1.62 14.73
CA ILE C 61 10.88 -0.98 15.59
C ILE C 61 10.19 0.16 14.85
N GLY C 62 10.91 0.80 13.93
CA GLY C 62 10.32 1.84 13.10
C GLY C 62 9.13 1.32 12.29
N SER C 63 9.19 0.07 11.87
CA SER C 63 8.09 -0.55 11.13
C SER C 63 6.87 -0.72 12.02
N ALA C 64 7.13 -1.15 13.25
CA ALA C 64 6.06 -1.30 14.22
C ALA C 64 5.34 0.02 14.46
N SER C 65 6.09 1.11 14.70
CA SER C 65 5.44 2.40 15.00
C SER C 65 4.62 2.95 13.82
N ASN C 66 5.13 2.75 12.61
CA ASN C 66 4.42 3.16 11.39
CA ASN C 66 4.41 3.17 11.42
C ASN C 66 3.15 2.32 11.18
N ALA C 67 3.23 1.02 11.46
CA ALA C 67 2.08 0.13 11.29
C ALA C 67 0.96 0.49 12.28
N LEU C 68 1.36 0.74 13.53
CA LEU C 68 0.42 1.06 14.57
C LEU C 68 -0.30 2.34 14.19
N ARG C 69 0.48 3.38 13.92
CA ARG C 69 -0.14 4.68 13.61
C ARG C 69 -1.00 4.60 12.35
N THR C 70 -0.48 3.96 11.31
CA THR C 70 -1.20 3.92 10.02
C THR C 70 -2.50 3.15 10.10
N MET C 71 -2.46 1.98 10.73
CA MET C 71 -3.58 1.04 10.65
C MET C 71 -4.55 1.14 11.85
N GLN C 72 -4.26 2.04 12.78
CA GLN C 72 -5.12 2.18 13.98
C GLN C 72 -6.59 2.35 13.57
N GLY C 73 -7.49 1.52 14.10
CA GLY C 73 -8.91 1.69 13.80
C GLY C 73 -9.35 1.18 12.44
N PHE C 74 -8.42 0.66 11.64
CA PHE C 74 -8.82 0.19 10.29
C PHE C 74 -9.87 -0.94 10.35
N PRO C 75 -11.01 -0.79 9.65
CA PRO C 75 -12.04 -1.84 9.70
C PRO C 75 -11.67 -3.12 8.91
N PHE C 76 -11.12 -4.09 9.63
CA PHE C 76 -10.56 -5.32 9.10
C PHE C 76 -11.59 -6.46 9.32
N TYR C 77 -11.99 -7.17 8.27
CA TYR C 77 -13.22 -8.02 8.38
C TYR C 77 -14.38 -7.26 9.05
N ASP C 78 -14.53 -6.01 8.67
CA ASP C 78 -15.67 -5.17 9.00
C ASP C 78 -15.68 -4.77 10.47
N LYS C 79 -14.50 -4.74 11.09
CA LYS C 79 -14.37 -4.47 12.54
C LYS C 79 -13.12 -3.64 12.83
N PRO C 80 -13.25 -2.48 13.52
CA PRO C 80 -12.09 -1.61 13.67
C PRO C 80 -11.00 -2.21 14.54
N MET C 81 -9.84 -2.48 13.95
CA MET C 81 -8.66 -2.90 14.70
C MET C 81 -8.28 -1.91 15.80
N GLN C 82 -7.98 -2.43 17.00
CA GLN C 82 -7.26 -1.63 17.98
C GLN C 82 -5.80 -2.11 18.07
N ILE C 83 -4.84 -1.19 18.05
CA ILE C 83 -3.45 -1.60 17.99
C ILE C 83 -2.68 -0.91 19.09
N ALA C 84 -1.84 -1.67 19.79
CA ALA C 84 -0.97 -1.11 20.85
C ALA C 84 0.39 -1.77 20.75
N TYR C 85 1.44 -1.16 21.26
CA TYR C 85 2.69 -1.90 21.34
C TYR C 85 2.55 -3.05 22.32
N SER C 86 3.25 -4.13 22.04
CA SER C 86 3.34 -5.25 22.95
C SER C 86 3.98 -4.77 24.25
N LYS C 87 3.44 -5.26 25.34
CA LYS C 87 3.91 -5.01 26.70
C LYS C 87 5.37 -5.46 26.91
N SER C 88 5.75 -6.53 26.23
CA SER C 88 7.10 -7.11 26.34
CA SER C 88 7.11 -7.05 26.33
C SER C 88 7.63 -7.59 25.00
N ASP C 89 8.95 -7.74 24.91
CA ASP C 89 9.59 -8.28 23.72
C ASP C 89 9.08 -9.67 23.41
N SER C 90 8.84 -9.93 22.13
CA SER C 90 8.55 -11.29 21.66
C SER C 90 9.82 -12.16 21.82
N ASP C 91 9.65 -13.48 22.05
CA ASP C 91 10.80 -14.39 22.22
C ASP C 91 11.78 -14.38 21.04
N ILE C 92 11.25 -14.43 19.82
CA ILE C 92 12.04 -14.29 18.58
C ILE C 92 12.93 -13.03 18.62
N VAL C 93 12.40 -11.94 19.17
CA VAL C 93 13.12 -10.67 19.24
C VAL C 93 14.14 -10.62 20.38
N ALA C 94 13.72 -11.03 21.58
CA ALA C 94 14.61 -11.12 22.74
C ALA C 94 15.87 -11.94 22.37
N LYS C 95 15.65 -13.04 21.65
CA LYS C 95 16.70 -13.88 21.06
C LYS C 95 17.77 -13.10 20.24
N ILE C 96 17.35 -12.06 19.51
CA ILE C 96 18.25 -11.27 18.65
C ILE C 96 19.08 -10.19 19.38
N GLU E 4 15.49 -0.75 -0.23
CA GLU E 4 14.18 -0.79 -0.87
C GLU E 4 13.19 0.15 -0.18
N MET E 5 12.95 1.30 -0.80
CA MET E 5 12.09 2.35 -0.26
C MET E 5 10.59 2.00 -0.22
N LEU E 6 9.88 2.58 0.74
CA LEU E 6 8.43 2.39 0.81
C LEU E 6 7.74 3.26 -0.26
N PRO E 7 6.67 2.72 -0.88
CA PRO E 7 5.94 3.52 -1.87
C PRO E 7 5.54 4.87 -1.29
N ASN E 8 5.73 5.88 -2.11
CA ASN E 8 5.50 7.28 -1.77
C ASN E 8 4.88 8.03 -2.97
N GLN E 9 4.14 9.12 -2.72
CA GLN E 9 3.62 10.00 -3.78
C GLN E 9 4.72 10.62 -4.60
N THR E 10 5.90 10.77 -3.99
CA THR E 10 7.02 11.45 -4.62
C THR E 10 8.05 10.45 -5.08
N ILE E 11 8.53 10.64 -6.30
CA ILE E 11 9.67 9.84 -6.75
C ILE E 11 10.90 10.73 -6.74
N TYR E 12 12.03 10.06 -6.57
CA TYR E 12 13.30 10.72 -6.45
C TYR E 12 14.05 10.25 -7.66
N ILE E 13 14.62 11.19 -8.42
CA ILE E 13 15.35 10.83 -9.62
C ILE E 13 16.75 11.33 -9.53
N ASN E 14 17.74 10.49 -9.83
CA ASN E 14 19.09 11.05 -9.92
C ASN E 14 19.81 10.47 -11.13
N ASN E 15 21.12 10.68 -11.22
CA ASN E 15 21.85 10.52 -12.47
C ASN E 15 21.31 11.42 -13.59
N LEU E 16 20.78 12.61 -13.24
CA LEU E 16 20.36 13.60 -14.24
C LEU E 16 21.55 14.38 -14.83
N ASN E 17 21.41 14.80 -16.09
CA ASN E 17 22.40 15.65 -16.75
C ASN E 17 22.47 17.04 -16.11
N GLU E 18 23.57 17.32 -15.43
CA GLU E 18 23.74 18.55 -14.69
C GLU E 18 24.02 19.74 -15.59
N LYS E 19 24.28 19.52 -16.87
CA LYS E 19 24.50 20.66 -17.78
C LYS E 19 23.19 21.38 -18.15
N ILE E 20 22.04 20.75 -17.88
CA ILE E 20 20.76 21.36 -18.25
C ILE E 20 20.29 22.41 -17.24
N LYS E 21 19.97 23.60 -17.73
CA LYS E 21 19.37 24.61 -16.84
C LYS E 21 18.11 24.08 -16.16
N LYS E 22 17.94 24.45 -14.89
CA LYS E 22 16.93 23.85 -14.03
C LYS E 22 15.52 24.05 -14.60
N GLU E 23 15.23 25.24 -15.14
CA GLU E 23 13.86 25.53 -15.57
C GLU E 23 13.52 24.70 -16.82
N GLU E 24 14.52 24.40 -17.64
CA GLU E 24 14.30 23.52 -18.78
C GLU E 24 14.13 22.08 -18.32
N LEU E 25 15.02 21.67 -17.41
CA LEU E 25 15.02 20.31 -16.89
C LEU E 25 13.63 19.97 -16.35
N LYS E 26 13.03 20.91 -15.63
CA LYS E 26 11.73 20.70 -15.03
C LYS E 26 10.63 20.55 -16.08
N LYS E 27 10.67 21.38 -17.11
CA LYS E 27 9.63 21.28 -18.17
C LYS E 27 9.77 19.98 -18.94
N SER E 28 11.00 19.58 -19.20
CA SER E 28 11.24 18.32 -19.86
C SER E 28 10.79 17.15 -18.98
N LEU E 29 10.94 17.28 -17.65
CA LEU E 29 10.53 16.18 -16.78
C LEU E 29 9.03 16.10 -16.79
N TYR E 30 8.39 17.26 -16.76
CA TYR E 30 6.94 17.31 -16.87
CA TYR E 30 6.93 17.38 -16.90
C TYR E 30 6.47 16.67 -18.16
N ALA E 31 7.13 17.00 -19.27
CA ALA E 31 6.81 16.39 -20.57
C ALA E 31 6.68 14.86 -20.54
N ILE E 32 7.58 14.21 -19.81
CA ILE E 32 7.56 12.77 -19.79
C ILE E 32 6.77 12.17 -18.62
N PHE E 33 6.64 12.87 -17.48
CA PHE E 33 5.94 12.23 -16.34
C PHE E 33 4.44 12.56 -16.17
N SER E 34 3.97 13.59 -16.87
CA SER E 34 2.59 14.02 -16.72
C SER E 34 1.65 12.89 -17.18
N GLN E 35 2.13 11.98 -18.03
CA GLN E 35 1.24 10.88 -18.49
C GLN E 35 0.79 9.99 -17.31
N PHE E 36 1.53 10.00 -16.20
CA PHE E 36 1.22 9.02 -15.15
C PHE E 36 0.16 9.50 -14.18
N GLY E 37 -0.21 10.78 -14.28
CA GLY E 37 -1.22 11.35 -13.38
C GLY E 37 -0.88 12.77 -12.96
N GLN E 38 -1.77 13.38 -12.20
CA GLN E 38 -1.57 14.76 -11.82
C GLN E 38 -0.28 14.99 -11.03
N ILE E 39 0.51 15.94 -11.51
CA ILE E 39 1.74 16.31 -10.84
C ILE E 39 1.50 17.57 -10.04
N LEU E 40 1.79 17.52 -8.75
CA LEU E 40 1.67 18.69 -7.89
C LEU E 40 2.85 19.66 -8.02
N ASP E 41 4.04 19.10 -8.13
CA ASP E 41 5.24 19.92 -8.23
C ASP E 41 6.43 19.05 -8.69
N ILE E 42 7.44 19.71 -9.27
CA ILE E 42 8.71 19.09 -9.63
C ILE E 42 9.80 19.99 -9.05
N VAL E 43 10.61 19.42 -8.15
CA VAL E 43 11.67 20.14 -7.50
C VAL E 43 13.00 19.72 -8.13
N ALA E 44 13.79 20.68 -8.56
CA ALA E 44 15.16 20.42 -9.04
C ALA E 44 16.04 21.62 -8.70
N LEU E 45 17.03 21.40 -7.85
CA LEU E 45 17.89 22.48 -7.40
C LEU E 45 19.26 22.30 -7.99
N LYS E 46 20.08 23.35 -7.93
CA LYS E 46 21.41 23.26 -8.52
C LYS E 46 22.55 23.47 -7.56
N THR E 47 22.24 23.50 -6.26
CA THR E 47 23.29 23.48 -5.23
C THR E 47 24.19 22.28 -5.39
N LEU E 48 25.40 22.36 -4.79
CA LEU E 48 26.36 21.25 -4.82
C LEU E 48 25.73 19.92 -4.42
N LYS E 49 24.95 19.93 -3.34
CA LYS E 49 24.34 18.68 -2.83
C LYS E 49 23.16 18.16 -3.66
N MET E 50 22.42 19.07 -4.31
CA MET E 50 21.13 18.64 -4.89
C MET E 50 21.08 18.64 -6.42
N ARG E 51 22.16 19.11 -7.06
CA ARG E 51 22.25 19.05 -8.53
C ARG E 51 22.25 17.60 -9.04
N GLY E 52 21.71 17.35 -10.23
CA GLY E 52 21.77 16.00 -10.76
C GLY E 52 20.56 15.19 -10.31
N GLN E 53 19.66 15.86 -9.61
CA GLN E 53 18.58 15.17 -8.90
C GLN E 53 17.28 15.90 -9.03
N ALA E 54 16.18 15.16 -8.92
CA ALA E 54 14.89 15.83 -8.86
C ALA E 54 13.85 15.00 -8.11
N PHE E 55 12.85 15.71 -7.61
CA PHE E 55 11.69 15.11 -6.96
C PHE E 55 10.46 15.42 -7.80
N VAL E 56 9.77 14.40 -8.28
CA VAL E 56 8.48 14.58 -8.93
C VAL E 56 7.37 14.14 -7.96
N ILE E 57 6.50 15.09 -7.62
CA ILE E 57 5.50 14.95 -6.55
C ILE E 57 4.15 14.76 -7.23
N PHE E 58 3.65 13.52 -7.25
CA PHE E 58 2.34 13.20 -7.79
C PHE E 58 1.27 13.39 -6.72
N LYS E 59 0.06 13.70 -7.16
CA LYS E 59 -1.13 13.71 -6.31
C LYS E 59 -1.44 12.32 -5.77
N GLU E 60 -1.19 11.27 -6.55
CA GLU E 60 -1.54 9.90 -6.15
C GLU E 60 -0.37 8.91 -6.17
N ILE E 61 -0.29 8.09 -5.13
CA ILE E 61 0.75 7.08 -5.02
C ILE E 61 0.76 6.13 -6.24
N GLY E 62 -0.42 5.84 -6.79
CA GLY E 62 -0.50 4.91 -7.90
C GLY E 62 0.23 5.46 -9.13
N SER E 63 0.17 6.78 -9.32
CA SER E 63 0.95 7.48 -10.34
C SER E 63 2.46 7.30 -10.13
N ALA E 64 2.94 7.57 -8.90
CA ALA E 64 4.36 7.42 -8.60
C ALA E 64 4.80 6.01 -8.90
N SER E 65 3.98 5.03 -8.55
CA SER E 65 4.35 3.64 -8.75
C SER E 65 4.48 3.26 -10.24
N ASN E 66 3.51 3.71 -11.05
CA ASN E 66 3.54 3.49 -12.50
C ASN E 66 4.72 4.22 -13.15
N ALA E 67 5.02 5.42 -12.67
CA ALA E 67 6.11 6.24 -13.23
C ALA E 67 7.41 5.52 -13.03
N LEU E 68 7.56 4.95 -11.84
CA LEU E 68 8.82 4.38 -11.40
C LEU E 68 9.11 3.12 -12.18
N ARG E 69 8.13 2.21 -12.20
CA ARG E 69 8.20 1.01 -13.02
C ARG E 69 8.47 1.30 -14.51
N THR E 70 7.76 2.27 -15.09
CA THR E 70 7.81 2.47 -16.54
C THR E 70 9.07 3.21 -17.01
N MET E 71 9.55 4.14 -16.20
CA MET E 71 10.54 5.07 -16.73
C MET E 71 11.94 4.74 -16.24
N GLN E 72 12.05 3.68 -15.44
CA GLN E 72 13.35 3.35 -14.81
C GLN E 72 14.40 3.17 -15.88
N GLY E 73 15.53 3.85 -15.75
CA GLY E 73 16.60 3.69 -16.72
C GLY E 73 16.37 4.41 -18.06
N PHE E 74 15.27 5.16 -18.20
CA PHE E 74 15.04 5.84 -19.50
C PHE E 74 16.13 6.89 -19.75
N PRO E 75 16.82 6.81 -20.91
CA PRO E 75 17.89 7.79 -21.21
C PRO E 75 17.28 9.16 -21.47
N PHE E 76 17.69 10.16 -20.69
CA PHE E 76 17.04 11.47 -20.65
C PHE E 76 18.19 12.44 -20.81
N TYR E 77 18.20 13.29 -21.84
CA TYR E 77 19.40 14.08 -22.12
C TYR E 77 20.63 13.17 -22.12
N ASP E 78 20.48 12.00 -22.75
CA ASP E 78 21.51 10.95 -22.92
C ASP E 78 22.10 10.37 -21.62
N LYS E 79 21.32 10.37 -20.54
CA LYS E 79 21.75 9.67 -19.34
C LYS E 79 20.59 8.88 -18.83
N PRO E 80 20.82 7.59 -18.51
CA PRO E 80 19.73 6.74 -18.01
C PRO E 80 19.29 7.21 -16.64
N MET E 81 18.02 7.59 -16.52
CA MET E 81 17.42 7.98 -15.24
C MET E 81 17.44 6.86 -14.21
N GLN E 82 17.80 7.21 -12.98
CA GLN E 82 17.68 6.32 -11.83
C GLN E 82 16.53 6.80 -10.97
N ILE E 83 15.49 5.99 -10.83
CA ILE E 83 14.29 6.43 -10.11
C ILE E 83 14.05 5.58 -8.86
N ALA E 84 13.66 6.21 -7.76
CA ALA E 84 13.25 5.50 -6.55
C ALA E 84 12.09 6.28 -5.93
N TYR E 85 11.38 5.67 -4.99
CA TYR E 85 10.48 6.46 -4.15
C TYR E 85 11.31 7.36 -3.29
N SER E 86 10.81 8.53 -2.91
CA SER E 86 11.61 9.37 -2.01
C SER E 86 11.54 8.78 -0.59
N LYS E 87 12.55 9.06 0.22
CA LYS E 87 12.60 8.57 1.61
C LYS E 87 11.40 8.98 2.42
N SER E 88 10.99 10.23 2.24
CA SER E 88 9.92 10.79 3.05
CA SER E 88 9.95 10.82 3.06
C SER E 88 8.96 11.60 2.21
N ASP E 89 7.80 11.90 2.81
CA ASP E 89 6.80 12.74 2.18
C ASP E 89 7.35 14.10 1.92
N SER E 90 6.99 14.66 0.78
CA SER E 90 7.25 16.07 0.49
C SER E 90 6.40 16.95 1.35
N ASP E 91 6.82 18.20 1.51
CA ASP E 91 6.16 19.10 2.44
C ASP E 91 4.72 19.41 2.05
N ILE E 92 4.46 19.69 0.77
CA ILE E 92 3.09 19.97 0.33
C ILE E 92 2.13 18.78 0.43
N VAL E 93 2.65 17.58 0.71
CA VAL E 93 1.77 16.43 0.95
C VAL E 93 1.77 15.98 2.43
N ALA E 94 2.68 16.53 3.23
CA ALA E 94 2.77 16.13 4.64
C ALA E 94 1.82 16.94 5.53
CAC FLC G . -2.72 -24.14 -6.57
CA FLC G . -2.30 -22.67 -6.50
CB FLC G . -3.05 -21.82 -7.51
CBC FLC G . -2.68 -20.34 -7.36
CG FLC G . -2.75 -22.33 -8.92
CGC FLC G . -1.73 -21.43 -9.55
OA1 FLC G . -1.97 -24.97 -7.15
OA2 FLC G . -3.81 -24.51 -6.06
OB1 FLC G . -1.48 -19.93 -7.25
OB2 FLC G . -3.59 -19.49 -7.32
OG1 FLC G . -0.50 -21.56 -9.27
OG2 FLC G . -2.14 -20.52 -10.32
OHB FLC G . -4.44 -21.94 -7.28
#